data_5C4L
#
_entry.id   5C4L
#
_cell.length_a   74.220
_cell.length_b   65.040
_cell.length_c   78.780
_cell.angle_alpha   90.000
_cell.angle_beta   91.180
_cell.angle_gamma   90.000
#
_symmetry.space_group_name_H-M   'P 1 21 1'
#
loop_
_entity.id
_entity.type
_entity.pdbx_description
1 polymer "APH(2'')-Id"
2 non-polymer (2S,3R)-3-amino-6-(aminomethyl)-3,4-dihydro-2H-pyran-2-ol
3 non-polymer '(1S,2S,3R,4S,6R)-4,6-diamino-3-{[(2S,3R)-3-amino-6-(aminomethyl)-3,4-dihydro-2H-pyran-2-yl]oxy}-2-hydroxycyclohexyl 3-deoxy-4-C-methyl-3-(methylamino)-beta-L-arabinopyranoside'
4 water water
#
_entity_poly.entity_id   1
_entity_poly.type   'polypeptide(L)'
_entity_poly.pdbx_seq_one_letter_code
;MGSSHHHHHHSSGLVPRGSHMRTYTFDQVEKAIEQLYPDFTINTIQISGKGNDCIAYEINRDFIFKFPKHSRGSTNLFNE
VNILKRIHNKLPLPIPEVVFTGMPSETYQMSFAGFTKIKGVPLTPLLLNNLPKQSQNQAAKDLARFLSELHSINISGFKS
NLVLDFREKINEDNKKIKKLLSRELKGPQMKKVDDFYRDILENEIYFKYYPCLIHNDFSSDHILFDTEKNTICGIIDFGD
AAISDPDNDFISLMEDDEEYGMEFVSKILNHYKHKDIPTVLEKYRMKEKYWSFEKIIYGKEYGYMDWYEEGLNEIRSIKI
K
;
_entity_poly.pdbx_strand_id   A,B
#
loop_
_chem_comp.id
_chem_comp.type
_chem_comp.name
_chem_comp.formula
4XR non-polymer (2S,3R)-3-amino-6-(aminomethyl)-3,4-dihydro-2H-pyran-2-ol 'C6 H12 N2 O2'
SIS non-polymer '(1S,2S,3R,4S,6R)-4,6-diamino-3-{[(2S,3R)-3-amino-6-(aminomethyl)-3,4-dihydro-2H-pyran-2-yl]oxy}-2-hydroxycyclohexyl 3-deoxy-4-C-methyl-3-(methylamino)-beta-L-arabinopyranoside' 'C19 H37 N5 O7'
#
# COMPACT_ATOMS: atom_id res chain seq x y z
N MET A 21 2.20 20.55 -14.61
CA MET A 21 3.30 20.90 -15.57
C MET A 21 3.09 22.24 -16.33
N ARG A 22 3.63 23.32 -15.79
CA ARG A 22 3.38 24.66 -16.33
C ARG A 22 4.42 25.15 -17.33
N THR A 23 4.06 26.20 -18.09
CA THR A 23 4.85 26.64 -19.25
C THR A 23 5.23 28.09 -19.16
N TYR A 24 6.26 28.47 -19.89
CA TYR A 24 6.73 29.86 -19.93
C TYR A 24 7.04 30.30 -21.34
N THR A 25 6.78 31.56 -21.61
CA THR A 25 7.18 32.17 -22.84
C THR A 25 8.50 32.84 -22.55
N PHE A 26 9.25 33.12 -23.60
CA PHE A 26 10.46 33.93 -23.50
C PHE A 26 10.26 35.29 -22.84
N ASP A 27 9.14 35.97 -23.08
CA ASP A 27 8.94 37.29 -22.45
C ASP A 27 8.64 37.20 -20.97
N GLN A 28 7.86 36.20 -20.61
CA GLN A 28 7.59 35.89 -19.21
C GLN A 28 8.92 35.71 -18.47
N VAL A 29 9.89 35.05 -19.13
CA VAL A 29 11.20 34.80 -18.52
C VAL A 29 12.03 36.05 -18.38
N GLU A 30 12.15 36.79 -19.47
CA GLU A 30 12.83 38.07 -19.46
C GLU A 30 12.24 39.01 -18.37
N LYS A 31 10.92 39.14 -18.37
CA LYS A 31 10.16 39.92 -17.36
C LYS A 31 10.51 39.48 -15.92
N ALA A 32 10.45 38.17 -15.69
CA ALA A 32 10.71 37.60 -14.37
C ALA A 32 12.10 37.93 -13.89
N ILE A 33 13.07 37.91 -14.80
CA ILE A 33 14.44 38.25 -14.42
C ILE A 33 14.63 39.77 -14.25
N GLU A 34 14.02 40.55 -15.11
CA GLU A 34 14.24 41.99 -15.07
C GLU A 34 13.73 42.56 -13.76
N GLN A 35 12.54 42.15 -13.35
CA GLN A 35 11.92 42.63 -12.13
C GLN A 35 12.71 42.44 -10.86
N LEU A 36 13.67 41.55 -10.87
CA LEU A 36 14.53 41.34 -9.70
C LEU A 36 15.93 41.83 -9.95
N TYR A 37 16.32 41.85 -11.21
CA TYR A 37 17.64 42.33 -11.56
C TYR A 37 17.47 43.31 -12.67
N PRO A 38 17.07 44.55 -12.34
CA PRO A 38 16.71 45.49 -13.43
C PRO A 38 17.92 45.92 -14.22
N ASP A 39 19.10 45.79 -13.63
CA ASP A 39 20.34 46.20 -14.27
C ASP A 39 21.03 45.04 -14.98
N PHE A 40 20.36 43.92 -15.11
CA PHE A 40 20.87 42.83 -15.91
C PHE A 40 20.26 42.91 -17.31
N THR A 41 21.12 42.98 -18.32
CA THR A 41 20.67 43.15 -19.70
C THR A 41 20.70 41.83 -20.49
N ILE A 42 19.55 41.43 -20.99
CA ILE A 42 19.49 40.22 -21.76
C ILE A 42 19.66 40.56 -23.23
N ASN A 43 20.80 40.18 -23.79
CA ASN A 43 21.04 40.32 -25.24
C ASN A 43 20.55 39.11 -26.06
N THR A 44 20.73 37.90 -25.50
CA THR A 44 20.27 36.66 -26.16
C THR A 44 19.75 35.61 -25.17
N ILE A 45 18.83 34.80 -25.67
CA ILE A 45 18.16 33.86 -24.85
C ILE A 45 17.68 32.71 -25.72
N GLN A 46 18.01 31.49 -25.29
CA GLN A 46 17.59 30.29 -26.00
C GLN A 46 17.30 29.20 -25.00
N ILE A 47 16.42 28.30 -25.36
CA ILE A 47 16.14 27.19 -24.49
C ILE A 47 17.27 26.20 -24.67
N SER A 48 18.02 25.91 -23.61
CA SER A 48 19.13 24.96 -23.77
C SER A 48 18.75 23.48 -23.49
N GLY A 49 17.73 23.26 -22.68
CA GLY A 49 17.31 21.90 -22.34
C GLY A 49 16.03 21.89 -21.53
N LYS A 50 15.44 20.73 -21.31
CA LYS A 50 14.38 20.64 -20.33
C LYS A 50 14.14 19.24 -19.83
N GLY A 51 13.86 19.16 -18.54
CA GLY A 51 13.62 17.91 -17.88
C GLY A 51 12.23 17.85 -17.29
N ASN A 52 12.10 17.03 -16.27
CA ASN A 52 10.86 16.87 -15.56
C ASN A 52 10.55 18.03 -14.63
N ASP A 53 11.55 18.51 -13.93
CA ASP A 53 11.37 19.52 -12.93
C ASP A 53 11.49 20.94 -13.49
N CYS A 54 12.33 21.15 -14.48
CA CYS A 54 12.64 22.51 -14.91
C CYS A 54 12.81 22.65 -16.45
N ILE A 55 12.51 23.83 -16.96
CA ILE A 55 12.92 24.25 -18.30
C ILE A 55 14.16 25.10 -18.06
N ALA A 56 15.12 25.05 -18.97
CA ALA A 56 16.42 25.71 -18.82
C ALA A 56 16.67 26.71 -19.97
N TYR A 57 17.14 27.91 -19.64
CA TYR A 57 17.36 28.94 -20.67
C TYR A 57 18.83 29.34 -20.68
N GLU A 58 19.41 29.39 -21.86
CA GLU A 58 20.79 29.85 -21.94
C GLU A 58 20.76 31.34 -22.15
N ILE A 59 21.26 32.12 -21.19
CA ILE A 59 21.13 33.56 -21.25
C ILE A 59 22.48 34.21 -21.53
N ASN A 60 22.47 35.04 -22.59
CA ASN A 60 23.68 35.55 -23.18
C ASN A 60 24.40 34.26 -23.61
N ARG A 61 25.63 34.02 -23.26
CA ARG A 61 26.11 32.64 -23.55
C ARG A 61 26.67 32.06 -22.30
N ASP A 62 26.43 32.78 -21.22
CA ASP A 62 27.26 32.72 -20.04
C ASP A 62 26.51 32.18 -18.85
N PHE A 63 25.21 32.06 -19.00
CA PHE A 63 24.35 31.70 -17.92
C PHE A 63 23.29 30.69 -18.36
N ILE A 64 22.95 29.81 -17.42
CA ILE A 64 21.81 28.89 -17.54
C ILE A 64 20.83 29.31 -16.44
N PHE A 65 19.61 29.61 -16.82
CA PHE A 65 18.55 29.88 -15.87
C PHE A 65 17.60 28.67 -15.88
N LYS A 66 17.23 28.21 -14.71
CA LYS A 66 16.19 27.23 -14.67
C LYS A 66 14.94 27.83 -14.10
N PHE A 67 13.86 27.64 -14.82
CA PHE A 67 12.53 27.89 -14.32
C PHE A 67 11.79 26.55 -14.08
N PRO A 68 11.19 26.35 -12.89
CA PRO A 68 10.43 25.14 -12.52
C PRO A 68 9.05 24.96 -13.16
N LYS A 69 8.71 23.71 -13.47
CA LYS A 69 7.46 23.42 -14.13
C LYS A 69 6.31 23.11 -13.16
N HIS A 70 6.62 23.03 -11.86
CA HIS A 70 5.64 22.74 -10.84
C HIS A 70 6.28 22.91 -9.51
N SER A 71 5.45 22.76 -8.48
CA SER A 71 5.84 22.96 -7.10
C SER A 71 7.05 22.16 -6.67
N ARG A 72 7.03 20.87 -6.96
CA ARG A 72 8.08 19.96 -6.55
C ARG A 72 9.42 20.31 -7.25
N GLY A 73 9.30 20.64 -8.52
CA GLY A 73 10.41 21.13 -9.33
C GLY A 73 11.06 22.30 -8.62
N SER A 74 10.21 23.16 -8.07
CA SER A 74 10.72 24.41 -7.47
C SER A 74 11.47 24.15 -6.21
N THR A 75 10.99 23.15 -5.51
CA THR A 75 11.65 22.74 -4.30
C THR A 75 12.98 22.12 -4.61
N ASN A 76 13.04 21.34 -5.68
CA ASN A 76 14.30 20.71 -6.05
C ASN A 76 15.25 21.77 -6.56
N LEU A 77 14.72 22.78 -7.26
CA LEU A 77 15.53 23.96 -7.66
C LEU A 77 16.17 24.66 -6.46
N PHE A 78 15.31 24.96 -5.47
CA PHE A 78 15.73 25.56 -4.20
C PHE A 78 16.81 24.72 -3.58
N ASN A 79 16.58 23.41 -3.54
CA ASN A 79 17.57 22.44 -3.01
C ASN A 79 18.90 22.43 -3.77
N GLU A 80 18.85 22.52 -5.09
CA GLU A 80 20.05 22.67 -5.87
C GLU A 80 20.83 23.97 -5.49
N VAL A 81 20.13 25.07 -5.30
CA VAL A 81 20.80 26.34 -5.05
C VAL A 81 21.56 26.24 -3.76
N ASN A 82 20.89 25.77 -2.73
CA ASN A 82 21.50 25.74 -1.42
C ASN A 82 22.73 24.81 -1.41
N ILE A 83 22.65 23.73 -2.18
CA ILE A 83 23.73 22.75 -2.19
C ILE A 83 24.89 23.28 -2.98
N LEU A 84 24.60 23.80 -4.16
CA LEU A 84 25.71 24.44 -4.96
C LEU A 84 26.44 25.52 -4.16
N LYS A 85 25.68 26.32 -3.41
CA LYS A 85 26.25 27.41 -2.63
C LYS A 85 27.22 26.88 -1.57
N ARG A 86 26.86 25.76 -0.95
CA ARG A 86 27.61 25.28 0.18
C ARG A 86 28.75 24.33 -0.21
N ILE A 87 28.86 23.97 -1.47
CA ILE A 87 30.04 23.21 -1.92
C ILE A 87 30.83 23.97 -2.99
N HIS A 88 30.47 25.23 -3.21
CA HIS A 88 31.10 26.10 -4.22
C HIS A 88 32.58 25.84 -4.58
N ASN A 89 33.48 25.79 -3.61
CA ASN A 89 34.88 25.62 -3.97
C ASN A 89 35.51 24.36 -3.41
N LYS A 90 34.73 23.31 -3.36
CA LYS A 90 35.11 22.17 -2.58
C LYS A 90 35.50 20.96 -3.39
N LEU A 91 35.33 21.01 -4.71
CA LEU A 91 35.51 19.81 -5.55
C LEU A 91 36.56 20.02 -6.65
N PRO A 92 37.18 18.92 -7.14
CA PRO A 92 38.25 18.92 -8.15
C PRO A 92 37.84 19.15 -9.62
N LEU A 93 36.54 19.25 -9.88
CA LEU A 93 36.08 19.56 -11.23
C LEU A 93 35.19 20.76 -11.08
N PRO A 94 35.13 21.59 -12.12
CA PRO A 94 34.29 22.76 -11.96
C PRO A 94 32.82 22.35 -11.86
N ILE A 95 31.99 23.24 -11.30
CA ILE A 95 30.56 22.99 -11.14
C ILE A 95 29.83 24.32 -11.20
N PRO A 96 28.54 24.30 -11.46
CA PRO A 96 27.87 25.57 -11.61
C PRO A 96 27.94 26.42 -10.37
N GLU A 97 28.08 27.73 -10.56
CA GLU A 97 28.07 28.67 -9.47
C GLU A 97 26.75 29.39 -9.54
N VAL A 98 26.08 29.53 -8.40
CA VAL A 98 24.86 30.32 -8.37
C VAL A 98 25.21 31.83 -8.51
N VAL A 99 24.50 32.52 -9.37
CA VAL A 99 24.69 33.97 -9.57
C VAL A 99 23.37 34.74 -9.48
N PHE A 100 22.28 34.12 -9.86
CA PHE A 100 21.01 34.79 -9.74
C PHE A 100 20.05 33.90 -9.00
N THR A 101 19.31 34.48 -8.07
CA THR A 101 18.24 33.75 -7.40
C THR A 101 16.90 34.46 -7.52
N GLY A 102 15.88 33.64 -7.62
CA GLY A 102 14.51 34.16 -7.67
C GLY A 102 13.87 34.11 -6.28
N MET A 103 12.54 34.18 -6.25
CA MET A 103 11.85 34.39 -5.01
C MET A 103 10.84 33.30 -4.72
N PRO A 104 10.54 33.07 -3.44
CA PRO A 104 9.36 32.31 -3.13
C PRO A 104 8.11 33.00 -3.63
N SER A 105 7.15 32.17 -4.00
CA SER A 105 5.82 32.56 -4.37
C SER A 105 4.88 31.62 -3.60
N GLU A 106 3.59 31.74 -3.89
CA GLU A 106 2.56 31.06 -3.14
C GLU A 106 3.03 29.65 -2.88
N THR A 107 3.18 28.89 -3.95
CA THR A 107 3.45 27.48 -3.77
C THR A 107 4.79 27.01 -4.28
N TYR A 108 5.71 27.95 -4.53
CA TYR A 108 7.00 27.69 -5.14
C TYR A 108 8.03 28.27 -4.23
N GLN A 109 8.95 27.45 -3.75
CA GLN A 109 10.02 28.01 -2.94
C GLN A 109 10.93 28.96 -3.69
N MET A 110 10.93 28.90 -5.01
CA MET A 110 12.00 29.46 -5.82
C MET A 110 11.48 29.61 -7.25
N SER A 111 11.28 30.85 -7.68
CA SER A 111 10.69 31.14 -8.96
C SER A 111 11.67 30.89 -10.12
N PHE A 112 12.96 31.09 -9.88
CA PHE A 112 13.97 30.76 -10.83
C PHE A 112 15.31 30.75 -10.19
N ALA A 113 16.31 30.38 -10.96
CA ALA A 113 17.66 30.50 -10.54
C ALA A 113 18.57 30.51 -11.74
N GLY A 114 19.71 31.17 -11.56
CA GLY A 114 20.65 31.43 -12.65
C GLY A 114 22.03 31.06 -12.24
N PHE A 115 22.66 30.25 -13.10
CA PHE A 115 23.94 29.62 -12.79
C PHE A 115 24.92 29.98 -13.88
N THR A 116 26.21 29.99 -13.55
CA THR A 116 27.22 30.04 -14.60
C THR A 116 27.06 28.88 -15.57
N LYS A 117 27.37 29.13 -16.84
CA LYS A 117 27.48 28.07 -17.82
C LYS A 117 28.88 27.48 -17.74
N ILE A 118 28.97 26.15 -17.83
CA ILE A 118 30.26 25.50 -17.83
C ILE A 118 30.57 25.00 -19.21
N LYS A 119 31.75 25.39 -19.73
CA LYS A 119 32.20 24.98 -21.06
C LYS A 119 32.28 23.46 -21.11
N GLY A 120 31.77 22.87 -22.16
CA GLY A 120 31.94 21.44 -22.38
C GLY A 120 30.75 20.84 -23.05
N VAL A 121 30.90 19.58 -23.46
CA VAL A 121 29.86 18.86 -24.15
C VAL A 121 29.69 17.57 -23.40
N PRO A 122 28.49 16.99 -23.47
CA PRO A 122 28.24 15.80 -22.69
C PRO A 122 29.18 14.70 -23.03
N LEU A 123 29.64 13.99 -22.01
CA LEU A 123 30.48 12.82 -22.23
C LEU A 123 29.61 11.63 -22.49
N THR A 124 29.03 11.60 -23.68
CA THR A 124 28.20 10.48 -24.11
C THR A 124 29.01 9.20 -24.09
N PRO A 125 28.35 8.07 -23.91
CA PRO A 125 29.03 6.81 -24.04
C PRO A 125 29.73 6.65 -25.39
N LEU A 126 29.17 7.26 -26.42
CA LEU A 126 29.71 7.12 -27.76
C LEU A 126 31.04 7.83 -27.81
N LEU A 127 31.01 9.11 -27.46
CA LEU A 127 32.20 9.93 -27.31
C LEU A 127 33.21 9.26 -26.43
N LEU A 128 32.76 8.58 -25.39
CA LEU A 128 33.67 7.87 -24.48
C LEU A 128 34.40 6.71 -25.13
N ASN A 129 33.63 5.87 -25.82
CA ASN A 129 34.20 4.67 -26.46
C ASN A 129 34.99 4.97 -27.70
N ASN A 130 34.94 6.22 -28.16
CA ASN A 130 35.77 6.67 -29.28
C ASN A 130 37.04 7.36 -28.83
N LEU A 131 37.36 7.26 -27.54
CA LEU A 131 38.57 7.85 -26.99
C LEU A 131 39.59 6.73 -26.85
N PRO A 132 40.88 7.04 -27.07
CA PRO A 132 41.86 5.97 -26.88
C PRO A 132 41.80 5.42 -25.47
N LYS A 133 42.15 4.15 -25.31
CA LYS A 133 42.10 3.48 -24.02
C LYS A 133 42.74 4.31 -22.92
N GLN A 134 43.60 5.26 -23.30
CA GLN A 134 44.26 6.10 -22.34
C GLN A 134 43.37 7.19 -21.75
N SER A 135 42.92 8.09 -22.63
CA SER A 135 42.00 9.14 -22.24
C SER A 135 40.74 8.55 -21.59
N GLN A 136 40.40 7.31 -21.94
CA GLN A 136 39.33 6.61 -21.25
C GLN A 136 39.66 6.49 -19.79
N ASN A 137 40.80 5.89 -19.49
CA ASN A 137 41.19 5.67 -18.08
C ASN A 137 41.32 6.96 -17.26
N GLN A 138 41.88 8.00 -17.85
CA GLN A 138 41.99 9.29 -17.16
C GLN A 138 40.60 9.85 -16.75
N ALA A 139 39.65 9.80 -17.67
CA ALA A 139 38.26 10.15 -17.37
C ALA A 139 37.71 9.29 -16.22
N ALA A 140 37.99 7.99 -16.24
CA ALA A 140 37.56 7.12 -15.13
C ALA A 140 38.27 7.51 -13.82
N LYS A 141 39.53 7.90 -13.93
CA LYS A 141 40.29 8.32 -12.77
C LYS A 141 39.71 9.60 -12.23
N ASP A 142 39.52 10.57 -13.13
CA ASP A 142 38.98 11.90 -12.77
C ASP A 142 37.56 11.80 -12.16
N LEU A 143 36.74 10.88 -12.67
CA LEU A 143 35.41 10.72 -12.10
C LEU A 143 35.48 10.16 -10.69
N ALA A 144 36.36 9.18 -10.47
CA ALA A 144 36.55 8.62 -9.15
C ALA A 144 37.07 9.69 -8.15
N ARG A 145 37.91 10.60 -8.60
CA ARG A 145 38.39 11.66 -7.72
C ARG A 145 37.26 12.63 -7.33
N PHE A 146 36.46 13.05 -8.31
CA PHE A 146 35.29 13.89 -8.04
C PHE A 146 34.38 13.20 -7.03
N LEU A 147 34.04 11.95 -7.30
CA LEU A 147 33.13 11.26 -6.40
C LEU A 147 33.69 11.10 -5.01
N SER A 148 34.93 10.68 -4.91
CA SER A 148 35.53 10.47 -3.58
C SER A 148 35.41 11.71 -2.75
N GLU A 149 35.70 12.84 -3.37
CA GLU A 149 35.63 14.13 -2.71
C GLU A 149 34.21 14.53 -2.40
N LEU A 150 33.27 14.31 -3.33
CA LEU A 150 31.87 14.61 -3.05
C LEU A 150 31.37 13.81 -1.83
N HIS A 151 31.66 12.52 -1.81
CA HIS A 151 31.21 11.61 -0.75
C HIS A 151 31.92 11.78 0.60
N SER A 152 32.90 12.69 0.63
CA SER A 152 33.71 12.97 1.83
C SER A 152 33.41 14.31 2.49
N ILE A 153 32.67 15.20 1.83
CA ILE A 153 32.30 16.47 2.44
C ILE A 153 31.54 16.20 3.71
N ASN A 154 31.84 16.92 4.78
CA ASN A 154 31.14 16.67 6.04
C ASN A 154 29.66 17.08 6.03
N ILE A 155 28.83 16.16 6.49
CA ILE A 155 27.36 16.26 6.35
C ILE A 155 26.66 16.87 7.54
N SER A 156 27.42 17.18 8.57
CA SER A 156 26.88 17.57 9.84
C SER A 156 25.94 18.77 9.83
N GLY A 157 26.25 19.78 9.04
CA GLY A 157 25.41 20.98 9.03
C GLY A 157 24.14 20.88 8.20
N PHE A 158 23.86 19.72 7.61
CA PHE A 158 22.73 19.66 6.69
C PHE A 158 21.43 19.28 7.41
N LYS A 159 20.41 20.05 7.07
CA LYS A 159 19.09 19.91 7.65
C LYS A 159 18.43 18.56 7.23
N SER A 160 17.51 18.06 8.03
CA SER A 160 16.78 16.82 7.72
C SER A 160 16.07 16.79 6.34
N ASN A 161 15.60 17.94 5.87
CA ASN A 161 14.93 18.04 4.56
C ASN A 161 15.83 17.66 3.37
N LEU A 162 17.14 17.85 3.54
CA LEU A 162 18.16 17.58 2.51
C LEU A 162 18.68 16.13 2.60
N VAL A 163 18.02 15.23 3.36
CA VAL A 163 18.35 13.80 3.35
C VAL A 163 17.15 12.94 2.86
N LEU A 164 17.53 11.79 2.28
CA LEU A 164 16.63 10.78 1.80
C LEU A 164 16.49 9.64 2.82
N ASP A 165 15.38 9.59 3.53
CA ASP A 165 15.06 8.39 4.30
C ASP A 165 14.54 7.35 3.31
N PHE A 166 15.37 6.34 3.06
CA PHE A 166 15.14 5.43 1.97
C PHE A 166 14.08 4.40 2.26
N ARG A 167 14.08 3.92 3.48
CA ARG A 167 13.02 3.03 3.95
C ARG A 167 11.66 3.74 3.99
N GLU A 168 11.66 4.98 4.41
CA GLU A 168 10.44 5.79 4.40
C GLU A 168 9.95 5.98 2.95
N LYS A 169 10.88 6.09 2.02
CA LYS A 169 10.52 6.24 0.63
C LYS A 169 9.87 4.94 0.13
N ILE A 170 10.53 3.81 0.33
CA ILE A 170 9.97 2.56 -0.19
C ILE A 170 8.59 2.32 0.36
N ASN A 171 8.40 2.58 1.65
CA ASN A 171 7.06 2.52 2.27
C ASN A 171 6.07 3.53 1.69
N GLU A 172 6.52 4.75 1.43
CA GLU A 172 5.67 5.76 0.79
C GLU A 172 5.21 5.27 -0.58
N ASP A 173 6.15 4.74 -1.34
CA ASP A 173 5.87 4.21 -2.66
C ASP A 173 4.87 3.07 -2.50
N ASN A 174 5.22 2.07 -1.71
CA ASN A 174 4.28 0.96 -1.45
C ASN A 174 2.82 1.39 -1.28
N LYS A 175 2.57 2.43 -0.49
CA LYS A 175 1.18 2.89 -0.27
C LYS A 175 0.58 3.41 -1.56
N LYS A 176 1.22 4.40 -2.15
CA LYS A 176 0.85 4.96 -3.47
C LYS A 176 0.52 3.92 -4.54
N ILE A 177 1.39 2.93 -4.64
CA ILE A 177 1.24 1.84 -5.57
C ILE A 177 -0.04 1.06 -5.32
N LYS A 178 -0.32 0.75 -4.07
CA LYS A 178 -1.61 0.15 -3.73
C LYS A 178 -2.81 1.02 -4.11
N LYS A 179 -2.77 2.29 -3.79
CA LYS A 179 -3.84 3.21 -4.21
C LYS A 179 -4.06 3.17 -5.72
N LEU A 180 -2.96 3.15 -6.50
CA LEU A 180 -3.07 3.27 -7.98
C LEU A 180 -3.38 1.95 -8.67
N LEU A 181 -2.80 0.86 -8.18
CA LEU A 181 -3.04 -0.45 -8.76
C LEU A 181 -4.20 -1.24 -8.16
N SER A 182 -4.89 -0.63 -7.20
CA SER A 182 -6.19 -1.12 -6.78
C SER A 182 -6.92 -1.02 -8.10
N ARG A 183 -7.59 -2.08 -8.55
CA ARG A 183 -8.42 -2.13 -9.76
CA ARG A 183 -8.37 -1.86 -9.78
C ARG A 183 -7.65 -2.19 -11.10
N GLU A 184 -6.32 -2.31 -11.06
CA GLU A 184 -5.54 -2.62 -12.28
C GLU A 184 -4.89 -3.98 -12.18
N LEU A 185 -4.88 -4.56 -10.99
CA LEU A 185 -4.23 -5.84 -10.83
C LEU A 185 -5.13 -6.89 -10.25
N LYS A 186 -4.83 -8.12 -10.63
CA LYS A 186 -5.43 -9.26 -10.00
C LYS A 186 -4.81 -9.33 -8.62
N GLY A 187 -5.56 -9.78 -7.63
CA GLY A 187 -5.00 -10.10 -6.29
C GLY A 187 -3.68 -10.86 -6.30
N PRO A 188 -3.53 -11.85 -7.20
CA PRO A 188 -2.25 -12.60 -7.27
C PRO A 188 -1.07 -11.81 -7.90
N GLN A 189 -1.39 -10.84 -8.75
CA GLN A 189 -0.39 -9.89 -9.23
C GLN A 189 -0.04 -8.86 -8.17
N MET A 190 -1.07 -8.30 -7.57
CA MET A 190 -0.92 -7.36 -6.47
C MET A 190 -0.11 -7.96 -5.32
N LYS A 191 -0.20 -9.28 -5.12
CA LYS A 191 0.61 -10.02 -4.15
C LYS A 191 2.04 -10.27 -4.61
N LYS A 192 2.26 -10.45 -5.92
CA LYS A 192 3.64 -10.52 -6.45
C LYS A 192 4.35 -9.16 -6.21
N VAL A 193 3.57 -8.09 -6.12
CA VAL A 193 4.09 -6.76 -5.80
C VAL A 193 4.39 -6.63 -4.29
N ASP A 194 3.40 -6.90 -3.44
CA ASP A 194 3.63 -6.99 -1.99
C ASP A 194 4.92 -7.78 -1.66
N ASP A 195 5.09 -8.94 -2.25
CA ASP A 195 6.28 -9.76 -2.01
C ASP A 195 7.58 -9.04 -2.40
N PHE A 196 7.51 -8.26 -3.46
CA PHE A 196 8.66 -7.47 -3.90
C PHE A 196 8.97 -6.33 -2.90
N TYR A 197 7.95 -5.57 -2.51
CA TYR A 197 8.13 -4.54 -1.49
C TYR A 197 8.58 -5.12 -0.16
N ARG A 198 8.20 -6.34 0.16
CA ARG A 198 8.72 -6.88 1.40
C ARG A 198 10.08 -7.55 1.21
N ASP A 199 10.40 -8.12 0.05
CA ASP A 199 11.74 -8.72 -0.13
C ASP A 199 12.83 -7.66 0.06
N ILE A 200 12.56 -6.47 -0.48
CA ILE A 200 13.40 -5.29 -0.31
C ILE A 200 13.50 -4.81 1.13
N LEU A 201 12.36 -4.58 1.75
CA LEU A 201 12.31 -4.02 3.10
C LEU A 201 12.85 -4.95 4.18
N GLU A 202 13.07 -6.22 3.85
CA GLU A 202 13.62 -7.19 4.79
C GLU A 202 15.05 -7.47 4.42
N ASN A 203 15.63 -6.60 3.59
CA ASN A 203 17.01 -6.74 3.20
C ASN A 203 17.81 -5.49 3.58
N GLU A 204 18.64 -5.64 4.61
CA GLU A 204 19.43 -4.53 5.16
C GLU A 204 20.49 -3.92 4.23
N ILE A 205 20.92 -4.63 3.19
CA ILE A 205 21.94 -4.06 2.29
C ILE A 205 21.54 -2.71 1.68
N TYR A 206 20.24 -2.49 1.53
CA TYR A 206 19.74 -1.25 0.91
C TYR A 206 19.76 -0.09 1.87
N PHE A 207 19.83 -0.37 3.16
CA PHE A 207 19.67 0.67 4.18
C PHE A 207 20.88 0.81 5.13
N LYS A 208 21.76 -0.17 5.17
CA LYS A 208 22.89 -0.19 6.06
C LYS A 208 24.06 0.33 5.28
N TYR A 209 24.17 1.69 5.24
CA TYR A 209 25.20 2.36 4.53
C TYR A 209 25.60 3.74 5.17
N TYR A 210 26.79 4.18 4.89
CA TYR A 210 27.26 5.41 5.53
C TYR A 210 26.75 6.53 4.67
N PRO A 211 25.64 7.11 5.06
CA PRO A 211 25.10 8.19 4.21
C PRO A 211 26.08 9.31 4.02
N CYS A 212 26.15 9.84 2.83
CA CYS A 212 26.92 11.07 2.55
C CYS A 212 26.24 11.86 1.46
N LEU A 213 26.79 13.02 1.11
CA LEU A 213 26.24 13.86 0.07
C LEU A 213 26.54 13.18 -1.24
N ILE A 214 25.52 13.12 -2.09
CA ILE A 214 25.65 12.57 -3.44
C ILE A 214 25.02 13.44 -4.55
N HIS A 215 25.53 13.32 -5.78
CA HIS A 215 24.94 13.96 -6.94
C HIS A 215 23.53 13.46 -7.09
N ASN A 216 23.39 12.12 -7.12
CA ASN A 216 22.09 11.43 -7.17
C ASN A 216 21.36 11.48 -8.49
N ASP A 217 22.05 11.90 -9.51
CA ASP A 217 21.57 11.76 -10.87
C ASP A 217 22.81 11.73 -11.72
N PHE A 218 23.74 10.88 -11.34
CA PHE A 218 25.10 11.00 -11.83
C PHE A 218 25.21 10.14 -13.06
N SER A 219 25.17 10.81 -14.20
CA SER A 219 24.99 10.18 -15.50
C SER A 219 25.70 10.94 -16.58
N SER A 220 25.94 10.25 -17.69
CA SER A 220 26.78 10.76 -18.74
C SER A 220 26.37 12.11 -19.29
N ASP A 221 25.07 12.41 -19.28
CA ASP A 221 24.61 13.71 -19.78
C ASP A 221 24.94 14.88 -18.84
N HIS A 222 25.25 14.58 -17.59
CA HIS A 222 25.62 15.59 -16.60
C HIS A 222 27.13 15.67 -16.37
N ILE A 223 27.91 15.00 -17.21
CA ILE A 223 29.35 15.06 -17.14
C ILE A 223 29.92 15.77 -18.40
N LEU A 224 30.45 16.98 -18.23
CA LEU A 224 30.93 17.76 -19.34
C LEU A 224 32.40 17.48 -19.69
N PHE A 225 32.71 17.54 -20.98
CA PHE A 225 34.00 17.09 -21.51
C PHE A 225 34.63 18.13 -22.44
N ASP A 226 35.95 18.32 -22.33
CA ASP A 226 36.67 19.21 -23.21
C ASP A 226 37.37 18.37 -24.27
N THR A 227 36.85 18.44 -25.48
CA THR A 227 37.36 17.65 -26.61
C THR A 227 38.78 18.07 -27.04
N GLU A 228 39.15 19.33 -26.80
CA GLU A 228 40.51 19.81 -27.13
C GLU A 228 41.58 19.13 -26.24
N LYS A 229 41.36 19.10 -24.93
CA LYS A 229 42.27 18.41 -24.01
C LYS A 229 41.90 16.93 -23.82
N ASN A 230 40.73 16.53 -24.32
CA ASN A 230 40.20 15.18 -24.08
C ASN A 230 40.27 14.83 -22.60
N THR A 231 39.82 15.78 -21.80
CA THR A 231 39.62 15.61 -20.36
C THR A 231 38.26 16.16 -19.94
N ILE A 232 37.69 15.54 -18.91
CA ILE A 232 36.51 16.02 -18.21
C ILE A 232 36.76 17.42 -17.60
N CYS A 233 35.88 18.38 -17.89
CA CYS A 233 36.04 19.76 -17.43
C CYS A 233 34.79 20.29 -16.68
N GLY A 234 33.96 19.39 -16.15
CA GLY A 234 32.72 19.82 -15.50
C GLY A 234 31.71 18.73 -15.10
N ILE A 235 30.86 19.09 -14.13
CA ILE A 235 29.75 18.32 -13.67
C ILE A 235 28.61 19.26 -13.39
N ILE A 236 27.43 18.90 -13.90
CA ILE A 236 26.28 19.79 -13.80
C ILE A 236 25.04 19.08 -13.21
N ASP A 237 23.98 19.84 -12.98
CA ASP A 237 22.66 19.33 -12.59
C ASP A 237 22.66 18.61 -11.24
N PHE A 238 22.85 19.43 -10.23
CA PHE A 238 22.68 19.02 -8.87
C PHE A 238 21.27 19.15 -8.28
N GLY A 239 20.23 19.18 -9.09
CA GLY A 239 18.84 19.28 -8.52
C GLY A 239 18.36 18.12 -7.59
N ASP A 240 18.79 16.91 -7.90
CA ASP A 240 18.44 15.75 -7.08
C ASP A 240 19.44 15.47 -5.99
N ALA A 241 20.53 16.23 -5.91
CA ALA A 241 21.49 16.01 -4.84
C ALA A 241 20.88 15.94 -3.45
N ALA A 242 21.36 14.98 -2.66
CA ALA A 242 20.83 14.75 -1.32
C ALA A 242 21.83 13.93 -0.57
N ILE A 243 21.54 13.68 0.69
CA ILE A 243 22.37 12.91 1.55
C ILE A 243 21.86 11.48 1.51
N SER A 244 22.70 10.57 1.04
CA SER A 244 22.20 9.24 0.73
C SER A 244 23.32 8.22 0.51
N ASP A 245 22.97 7.08 -0.13
CA ASP A 245 23.89 5.97 -0.36
C ASP A 245 24.92 6.22 -1.45
N PRO A 246 26.20 6.32 -1.11
CA PRO A 246 27.18 6.70 -2.15
C PRO A 246 27.16 5.79 -3.33
N ASP A 247 26.75 4.55 -3.11
CA ASP A 247 26.57 3.66 -4.24
C ASP A 247 25.69 4.22 -5.41
N ASN A 248 24.69 5.04 -5.09
CA ASN A 248 23.76 5.52 -6.12
C ASN A 248 24.46 6.33 -7.22
N ASP A 249 25.62 6.88 -6.88
CA ASP A 249 26.36 7.63 -7.87
C ASP A 249 27.14 6.78 -8.81
N PHE A 250 27.20 5.48 -8.53
CA PHE A 250 27.84 4.51 -9.45
C PHE A 250 26.80 3.77 -10.26
N ILE A 251 25.73 3.36 -9.61
CA ILE A 251 24.63 2.64 -10.23
C ILE A 251 23.97 3.37 -11.43
N SER A 252 23.88 4.70 -11.32
CA SER A 252 23.39 5.54 -12.40
C SER A 252 24.28 5.56 -13.66
N LEU A 253 25.50 5.10 -13.59
CA LEU A 253 26.36 4.99 -14.79
C LEU A 253 26.49 3.58 -15.39
N MET A 254 25.96 2.55 -14.72
CA MET A 254 26.24 1.16 -15.11
C MET A 254 25.49 0.64 -16.31
N GLU A 255 24.40 1.31 -16.67
CA GLU A 255 23.48 0.81 -17.68
C GLU A 255 24.15 0.74 -19.05
N ASP A 256 24.03 -0.41 -19.70
CA ASP A 256 24.61 -0.62 -21.01
C ASP A 256 23.84 0.15 -22.07
N ASP A 257 24.59 0.67 -23.04
CA ASP A 257 24.02 1.46 -24.12
C ASP A 257 23.63 2.86 -23.64
N GLU A 258 22.73 2.94 -22.67
CA GLU A 258 22.24 4.23 -22.15
C GLU A 258 23.37 4.99 -21.46
N GLU A 259 24.12 4.28 -20.65
CA GLU A 259 25.22 4.89 -19.92
C GLU A 259 26.52 4.14 -20.22
N TYR A 260 27.48 4.18 -19.32
CA TYR A 260 28.75 3.53 -19.55
C TYR A 260 28.56 2.05 -19.34
N GLY A 261 29.56 1.23 -19.54
CA GLY A 261 29.31 -0.17 -19.31
C GLY A 261 29.43 -0.50 -17.84
N MET A 262 29.26 -1.78 -17.52
CA MET A 262 29.71 -2.29 -16.24
C MET A 262 31.26 -2.26 -16.15
N GLU A 263 31.93 -2.60 -17.23
CA GLU A 263 33.41 -2.68 -17.25
C GLU A 263 34.04 -1.33 -16.90
N PHE A 264 33.49 -0.26 -17.46
CA PHE A 264 34.03 1.05 -17.21
C PHE A 264 33.79 1.53 -15.78
N VAL A 265 32.62 1.20 -15.24
CA VAL A 265 32.31 1.60 -13.87
C VAL A 265 33.23 0.88 -12.88
N SER A 266 33.64 -0.35 -13.16
CA SER A 266 34.67 -1.00 -12.35
C SER A 266 35.94 -0.17 -12.29
N LYS A 267 36.37 0.37 -13.42
CA LYS A 267 37.55 1.27 -13.45
C LYS A 267 37.45 2.42 -12.45
N ILE A 268 36.26 3.01 -12.40
CA ILE A 268 35.99 4.11 -11.48
C ILE A 268 35.98 3.58 -10.05
N LEU A 269 35.28 2.46 -9.86
CA LEU A 269 35.13 1.92 -8.53
C LEU A 269 36.50 1.69 -7.89
N ASN A 270 37.45 1.20 -8.69
CA ASN A 270 38.80 0.91 -8.22
C ASN A 270 39.68 2.11 -7.98
N HIS A 271 39.64 3.12 -8.83
CA HIS A 271 40.34 4.38 -8.50
C HIS A 271 39.76 5.00 -7.23
N TYR A 272 38.51 4.66 -6.97
CA TYR A 272 37.78 5.12 -5.79
C TYR A 272 38.02 4.25 -4.55
N LYS A 273 38.58 3.06 -4.77
CA LYS A 273 38.94 2.13 -3.67
C LYS A 273 37.69 1.60 -2.97
N HIS A 274 36.61 1.47 -3.70
CA HIS A 274 35.41 0.86 -3.17
C HIS A 274 35.81 -0.53 -2.79
N LYS A 275 35.41 -1.00 -1.63
CA LYS A 275 35.91 -2.30 -1.10
C LYS A 275 34.84 -3.39 -1.18
N ASP A 276 33.82 -3.18 -2.00
CA ASP A 276 32.66 -4.11 -2.10
C ASP A 276 31.78 -3.87 -3.34
N ILE A 277 32.36 -4.17 -4.48
CA ILE A 277 31.70 -4.02 -5.76
C ILE A 277 30.44 -4.91 -5.93
N PRO A 278 30.46 -6.16 -5.42
CA PRO A 278 29.24 -6.99 -5.52
C PRO A 278 27.99 -6.42 -4.89
N THR A 279 28.14 -5.67 -3.82
CA THR A 279 26.96 -5.01 -3.23
C THR A 279 26.42 -3.92 -4.18
N VAL A 280 27.32 -3.26 -4.87
CA VAL A 280 26.97 -2.22 -5.82
C VAL A 280 26.19 -2.85 -6.97
N LEU A 281 26.68 -3.97 -7.45
CA LEU A 281 25.97 -4.76 -8.46
C LEU A 281 24.57 -5.16 -8.04
N GLU A 282 24.41 -5.53 -6.77
CA GLU A 282 23.10 -5.98 -6.27
C GLU A 282 22.12 -4.82 -6.21
N LYS A 283 22.61 -3.69 -5.73
CA LYS A 283 21.79 -2.48 -5.69
C LYS A 283 21.29 -2.17 -7.09
N TYR A 284 22.18 -2.31 -8.08
CA TYR A 284 21.87 -2.02 -9.49
C TYR A 284 20.71 -2.89 -9.99
N ARG A 285 20.82 -4.20 -9.82
CA ARG A 285 19.73 -5.14 -10.17
C ARG A 285 18.38 -4.71 -9.58
N MET A 286 18.37 -4.37 -8.29
CA MET A 286 17.12 -3.97 -7.62
C MET A 286 16.57 -2.71 -8.25
N LYS A 287 17.46 -1.76 -8.45
CA LYS A 287 17.10 -0.49 -9.02
C LYS A 287 16.40 -0.67 -10.38
N GLU A 288 16.96 -1.57 -11.21
CA GLU A 288 16.42 -1.76 -12.57
C GLU A 288 14.99 -2.31 -12.47
N LYS A 289 14.79 -3.35 -11.65
CA LYS A 289 13.45 -3.88 -11.35
C LYS A 289 12.54 -2.78 -10.82
N TYR A 290 13.05 -2.03 -9.86
CA TYR A 290 12.25 -0.99 -9.22
C TYR A 290 11.73 0.10 -10.16
N TRP A 291 12.43 0.35 -11.25
CA TRP A 291 12.07 1.49 -12.12
C TRP A 291 10.62 1.40 -12.69
N SER A 292 10.12 0.19 -12.98
CA SER A 292 8.71 0.00 -13.38
C SER A 292 7.73 0.62 -12.40
N PHE A 293 8.01 0.47 -11.12
CA PHE A 293 7.12 1.03 -10.13
C PHE A 293 7.26 2.55 -10.07
N GLU A 294 8.46 3.07 -10.28
CA GLU A 294 8.62 4.53 -10.26
C GLU A 294 7.92 5.12 -11.45
N LYS A 295 8.01 4.44 -12.58
CA LYS A 295 7.37 4.95 -13.79
C LYS A 295 5.91 5.14 -13.52
N ILE A 296 5.30 4.18 -12.87
CA ILE A 296 3.89 4.29 -12.53
C ILE A 296 3.61 5.53 -11.69
N ILE A 297 4.41 5.70 -10.66
CA ILE A 297 4.19 6.79 -9.73
C ILE A 297 4.42 8.13 -10.39
N TYR A 298 5.50 8.22 -11.15
CA TYR A 298 5.87 9.47 -11.76
C TYR A 298 5.00 9.73 -12.96
N GLY A 299 4.61 8.65 -13.65
CA GLY A 299 3.64 8.71 -14.74
C GLY A 299 2.41 9.49 -14.30
N LYS A 300 1.92 9.20 -13.09
CA LYS A 300 0.79 9.95 -12.57
C LYS A 300 1.15 11.32 -11.98
N GLU A 301 2.25 11.38 -11.23
CA GLU A 301 2.71 12.64 -10.65
C GLU A 301 2.91 13.72 -11.74
N TYR A 302 3.52 13.32 -12.84
CA TYR A 302 3.86 14.21 -13.95
C TYR A 302 2.85 14.26 -15.09
N GLY A 303 2.01 13.22 -15.24
CA GLY A 303 1.02 13.15 -16.33
C GLY A 303 1.62 12.54 -17.59
N TYR A 304 2.55 11.59 -17.41
CA TYR A 304 3.04 10.81 -18.52
C TYR A 304 2.26 9.50 -18.62
N MET A 305 1.19 9.51 -19.40
CA MET A 305 0.40 8.29 -19.60
C MET A 305 1.29 7.15 -20.11
N ASP A 306 2.23 7.46 -20.99
CA ASP A 306 3.09 6.45 -21.60
C ASP A 306 3.94 5.72 -20.56
N TRP A 307 4.50 6.49 -19.62
CA TRP A 307 5.28 5.90 -18.53
C TRP A 307 4.41 5.00 -17.67
N TYR A 308 3.23 5.50 -17.39
CA TYR A 308 2.25 4.74 -16.65
C TYR A 308 1.94 3.39 -17.33
N GLU A 309 1.70 3.39 -18.64
CA GLU A 309 1.34 2.15 -19.31
C GLU A 309 2.52 1.22 -19.38
N GLU A 310 3.68 1.73 -19.74
CA GLU A 310 4.88 0.93 -19.76
C GLU A 310 5.08 0.25 -18.42
N GLY A 311 5.03 1.04 -17.35
CA GLY A 311 5.13 0.48 -16.02
C GLY A 311 4.14 -0.65 -15.78
N LEU A 312 2.89 -0.41 -16.16
CA LEU A 312 1.82 -1.38 -15.93
C LEU A 312 2.10 -2.69 -16.65
N ASN A 313 2.55 -2.57 -17.91
CA ASN A 313 2.90 -3.68 -18.78
C ASN A 313 3.98 -4.56 -18.19
N GLU A 314 5.08 -3.92 -17.80
CA GLU A 314 6.25 -4.64 -17.29
C GLU A 314 5.84 -5.39 -16.04
N ILE A 315 5.02 -4.73 -15.24
CA ILE A 315 4.49 -5.34 -14.04
C ILE A 315 3.66 -6.60 -14.35
N ARG A 316 2.80 -6.54 -15.37
CA ARG A 316 1.98 -7.73 -15.77
C ARG A 316 2.69 -8.97 -16.32
N SER A 317 3.96 -8.89 -16.67
CA SER A 317 4.68 -10.03 -17.22
C SER A 317 5.29 -10.91 -16.13
N MET B 21 -22.09 -32.93 9.27
CA MET B 21 -22.99 -32.16 8.34
C MET B 21 -24.32 -32.87 8.03
N ARG B 22 -25.36 -32.56 8.80
CA ARG B 22 -26.68 -33.24 8.67
C ARG B 22 -27.70 -32.52 7.79
N THR B 23 -28.74 -33.24 7.41
CA THR B 23 -29.64 -32.82 6.36
C THR B 23 -31.08 -32.77 6.86
N TYR B 24 -31.93 -31.99 6.20
CA TYR B 24 -33.36 -31.93 6.54
C TYR B 24 -34.21 -31.96 5.26
N THR B 25 -35.38 -32.56 5.39
CA THR B 25 -36.38 -32.49 4.36
C THR B 25 -37.36 -31.39 4.76
N PHE B 26 -38.13 -30.90 3.80
CA PHE B 26 -39.17 -29.91 4.08
C PHE B 26 -40.15 -30.37 5.17
N ASP B 27 -40.50 -31.66 5.18
CA ASP B 27 -41.50 -32.11 6.13
C ASP B 27 -40.93 -32.13 7.52
N GLN B 28 -39.67 -32.54 7.61
CA GLN B 28 -38.98 -32.56 8.89
C GLN B 28 -39.03 -31.17 9.46
N VAL B 29 -38.88 -30.18 8.60
CA VAL B 29 -38.85 -28.80 9.05
C VAL B 29 -40.22 -28.34 9.50
N GLU B 30 -41.21 -28.59 8.68
CA GLU B 30 -42.58 -28.24 9.01
C GLU B 30 -42.95 -28.88 10.36
N LYS B 31 -42.71 -30.18 10.48
CA LYS B 31 -42.95 -30.97 11.70
C LYS B 31 -42.25 -30.36 12.92
N ALA B 32 -40.96 -30.09 12.78
CA ALA B 32 -40.17 -29.50 13.85
C ALA B 32 -40.75 -28.18 14.32
N ILE B 33 -41.27 -27.38 13.41
CA ILE B 33 -41.88 -26.10 13.79
C ILE B 33 -43.23 -26.31 14.43
N GLU B 34 -44.02 -27.22 13.87
CA GLU B 34 -45.40 -27.37 14.30
C GLU B 34 -45.48 -27.80 15.75
N GLN B 35 -44.68 -28.80 16.08
CA GLN B 35 -44.68 -29.35 17.42
C GLN B 35 -44.28 -28.35 18.53
N LEU B 36 -43.70 -27.20 18.18
CA LEU B 36 -43.43 -26.12 19.13
C LEU B 36 -44.34 -24.92 18.92
N TYR B 37 -44.87 -24.79 17.73
CA TYR B 37 -45.83 -23.75 17.45
C TYR B 37 -46.96 -24.36 16.69
N PRO B 38 -47.89 -25.00 17.41
CA PRO B 38 -48.97 -25.74 16.73
C PRO B 38 -50.02 -24.81 16.11
N ASP B 39 -50.03 -23.55 16.55
CA ASP B 39 -50.93 -22.54 16.01
C ASP B 39 -50.29 -21.68 14.93
N PHE B 40 -49.08 -22.07 14.48
CA PHE B 40 -48.48 -21.40 13.36
C PHE B 40 -48.75 -22.17 12.07
N THR B 41 -49.36 -21.47 11.10
CA THR B 41 -49.73 -22.08 9.80
C THR B 41 -48.67 -21.81 8.70
N ILE B 42 -48.10 -22.88 8.18
CA ILE B 42 -47.17 -22.76 7.08
C ILE B 42 -47.89 -22.88 5.74
N ASN B 43 -48.03 -21.74 5.06
CA ASN B 43 -48.60 -21.69 3.72
C ASN B 43 -47.55 -21.92 2.65
N THR B 44 -46.35 -21.36 2.85
CA THR B 44 -45.24 -21.49 1.87
C THR B 44 -43.90 -21.64 2.53
N ILE B 45 -43.04 -22.37 1.86
CA ILE B 45 -41.75 -22.69 2.42
C ILE B 45 -40.78 -22.94 1.30
N GLN B 46 -39.64 -22.28 1.34
CA GLN B 46 -38.61 -22.47 0.31
C GLN B 46 -37.28 -22.37 0.99
N ILE B 47 -36.26 -22.98 0.40
CA ILE B 47 -34.93 -22.82 0.91
C ILE B 47 -34.37 -21.51 0.39
N SER B 48 -34.03 -20.59 1.28
CA SER B 48 -33.56 -19.28 0.79
C SER B 48 -32.06 -19.23 0.66
N GLY B 49 -31.34 -20.01 1.46
CA GLY B 49 -29.89 -19.95 1.44
C GLY B 49 -29.27 -21.04 2.30
N LYS B 50 -27.96 -21.11 2.27
CA LYS B 50 -27.27 -22.16 2.97
C LYS B 50 -25.79 -21.86 3.17
N GLY B 51 -25.35 -21.93 4.43
CA GLY B 51 -23.96 -21.75 4.77
C GLY B 51 -23.30 -23.01 5.33
N ASN B 52 -22.22 -22.78 6.06
CA ASN B 52 -21.52 -23.85 6.76
C ASN B 52 -22.26 -24.31 7.99
N ASP B 53 -22.84 -23.36 8.71
CA ASP B 53 -23.52 -23.68 9.96
C ASP B 53 -24.99 -24.06 9.79
N CYS B 54 -25.70 -23.43 8.86
CA CYS B 54 -27.15 -23.54 8.83
C CYS B 54 -27.74 -23.64 7.43
N ILE B 55 -28.88 -24.34 7.33
CA ILE B 55 -29.74 -24.27 6.15
C ILE B 55 -30.83 -23.30 6.54
N ALA B 56 -31.32 -22.53 5.61
CA ALA B 56 -32.22 -21.42 5.92
C ALA B 56 -33.47 -21.60 5.11
N TYR B 57 -34.62 -21.45 5.75
CA TYR B 57 -35.87 -21.65 5.04
C TYR B 57 -36.70 -20.37 5.08
N GLU B 58 -37.27 -20.01 3.96
CA GLU B 58 -38.10 -18.83 3.92
C GLU B 58 -39.54 -19.24 4.12
N ILE B 59 -40.11 -18.88 5.25
CA ILE B 59 -41.46 -19.33 5.55
C ILE B 59 -42.46 -18.18 5.42
N ASN B 60 -43.51 -18.43 4.62
CA ASN B 60 -44.55 -17.45 4.30
C ASN B 60 -44.04 -16.11 3.78
N ARG B 61 -42.88 -16.07 3.11
CA ARG B 61 -42.30 -14.78 2.66
C ARG B 61 -42.21 -13.71 3.71
N ASP B 62 -42.09 -14.07 5.00
CA ASP B 62 -41.92 -13.10 6.11
C ASP B 62 -40.91 -13.50 7.19
N PHE B 63 -40.48 -14.76 7.15
CA PHE B 63 -39.65 -15.34 8.15
C PHE B 63 -38.52 -16.17 7.50
N ILE B 64 -37.35 -16.09 8.10
CA ILE B 64 -36.21 -16.90 7.77
C ILE B 64 -36.01 -17.81 8.96
N PHE B 65 -36.08 -19.11 8.73
CA PHE B 65 -35.82 -20.09 9.78
C PHE B 65 -34.46 -20.70 9.51
N LYS B 66 -33.59 -20.72 10.50
CA LYS B 66 -32.32 -21.38 10.32
C LYS B 66 -32.28 -22.70 11.07
N PHE B 67 -32.00 -23.78 10.37
CA PHE B 67 -31.79 -25.09 10.99
C PHE B 67 -30.33 -25.46 10.87
N PRO B 68 -29.70 -25.79 12.00
CA PRO B 68 -28.26 -26.07 12.05
C PRO B 68 -27.84 -27.45 11.47
N LYS B 69 -26.69 -27.48 10.82
CA LYS B 69 -26.24 -28.70 10.17
C LYS B 69 -25.39 -29.57 11.09
N HIS B 70 -25.05 -29.05 12.27
CA HIS B 70 -24.22 -29.75 13.25
C HIS B 70 -24.19 -28.98 14.56
N SER B 71 -23.52 -29.58 15.53
CA SER B 71 -23.48 -29.08 16.88
C SER B 71 -23.00 -27.66 16.96
N ARG B 72 -21.87 -27.37 16.30
CA ARG B 72 -21.28 -26.01 16.36
C ARG B 72 -22.21 -24.97 15.71
N GLY B 73 -22.81 -25.36 14.60
CA GLY B 73 -23.80 -24.57 13.91
C GLY B 73 -24.89 -24.18 14.88
N SER B 74 -25.32 -25.15 15.68
CA SER B 74 -26.41 -24.93 16.62
C SER B 74 -26.03 -23.96 17.68
N THR B 75 -24.79 -24.06 18.10
CA THR B 75 -24.30 -23.20 19.14
C THR B 75 -24.21 -21.77 18.64
N ASN B 76 -23.79 -21.60 17.40
CA ASN B 76 -23.71 -20.26 16.85
C ASN B 76 -25.12 -19.74 16.72
N LEU B 77 -26.06 -20.64 16.38
CA LEU B 77 -27.43 -20.24 16.22
C LEU B 77 -27.96 -19.70 17.54
N PHE B 78 -27.72 -20.48 18.58
CA PHE B 78 -28.06 -20.12 19.95
C PHE B 78 -27.47 -18.78 20.27
N ASN B 79 -26.21 -18.65 19.97
CA ASN B 79 -25.54 -17.39 20.17
C ASN B 79 -26.24 -16.21 19.47
N GLU B 80 -26.61 -16.42 18.21
CA GLU B 80 -27.28 -15.39 17.44
C GLU B 80 -28.61 -14.99 18.09
N VAL B 81 -29.33 -15.95 18.60
CA VAL B 81 -30.60 -15.63 19.19
C VAL B 81 -30.41 -14.73 20.40
N ASN B 82 -29.51 -15.12 21.30
CA ASN B 82 -29.37 -14.43 22.56
C ASN B 82 -28.91 -13.00 22.33
N ILE B 83 -28.14 -12.82 21.29
CA ILE B 83 -27.58 -11.53 21.01
C ILE B 83 -28.60 -10.64 20.39
N LEU B 84 -29.29 -11.17 19.39
CA LEU B 84 -30.32 -10.41 18.70
C LEU B 84 -31.36 -9.94 19.68
N LYS B 85 -31.70 -10.82 20.60
CA LYS B 85 -32.67 -10.50 21.65
C LYS B 85 -32.22 -9.34 22.53
N ARG B 86 -30.93 -9.35 22.89
CA ARG B 86 -30.41 -8.42 23.84
C ARG B 86 -30.01 -7.06 23.20
N ILE B 87 -30.01 -6.96 21.87
CA ILE B 87 -29.78 -5.65 21.22
C ILE B 87 -30.96 -5.21 20.34
N HIS B 88 -32.06 -5.91 20.45
CA HIS B 88 -33.25 -5.66 19.66
C HIS B 88 -33.54 -4.22 19.22
N ASN B 89 -33.61 -3.27 20.13
CA ASN B 89 -34.02 -1.94 19.68
C ASN B 89 -32.96 -0.91 19.91
N LYS B 90 -31.72 -1.31 19.75
CA LYS B 90 -30.62 -0.51 20.24
C LYS B 90 -29.86 0.23 19.11
N LEU B 91 -30.04 -0.18 17.87
CA LEU B 91 -29.14 0.24 16.78
C LEU B 91 -29.89 1.01 15.71
N PRO B 92 -29.19 1.89 14.99
CA PRO B 92 -29.75 2.82 13.99
C PRO B 92 -30.13 2.21 12.62
N LEU B 93 -29.89 0.92 12.44
CA LEU B 93 -30.35 0.23 11.24
C LEU B 93 -31.14 -0.94 11.69
N PRO B 94 -32.15 -1.34 10.90
CA PRO B 94 -32.92 -2.48 11.38
C PRO B 94 -32.05 -3.72 11.40
N ILE B 95 -32.50 -4.72 12.14
CA ILE B 95 -31.81 -6.00 12.25
C ILE B 95 -32.84 -7.08 12.51
N PRO B 96 -32.50 -8.35 12.25
CA PRO B 96 -33.50 -9.38 12.43
C PRO B 96 -34.03 -9.43 13.82
N GLU B 97 -35.32 -9.71 13.93
CA GLU B 97 -35.93 -9.87 15.21
C GLU B 97 -36.21 -11.35 15.38
N VAL B 98 -35.90 -11.90 16.54
CA VAL B 98 -36.24 -13.27 16.84
C VAL B 98 -37.73 -13.37 17.11
N VAL B 99 -38.39 -14.30 16.46
CA VAL B 99 -39.83 -14.52 16.64
C VAL B 99 -40.13 -15.98 16.97
N PHE B 100 -39.32 -16.91 16.48
CA PHE B 100 -39.53 -18.31 16.84
C PHE B 100 -38.26 -18.92 17.35
N THR B 101 -38.35 -19.65 18.45
CA THR B 101 -37.21 -20.37 18.96
C THR B 101 -37.49 -21.85 19.09
N GLY B 102 -36.44 -22.61 18.85
CA GLY B 102 -36.49 -24.04 19.05
C GLY B 102 -35.93 -24.39 20.40
N MET B 103 -35.52 -25.62 20.55
CA MET B 103 -35.17 -26.08 21.87
C MET B 103 -33.88 -26.86 21.88
N PRO B 104 -33.25 -26.92 23.05
CA PRO B 104 -32.12 -27.80 23.16
C PRO B 104 -32.58 -29.21 22.88
N SER B 105 -31.70 -29.97 22.26
CA SER B 105 -31.89 -31.38 22.06
C SER B 105 -30.48 -31.88 22.11
N GLU B 106 -30.12 -32.52 23.23
CA GLU B 106 -28.82 -33.20 23.41
C GLU B 106 -27.58 -32.34 23.08
N THR B 107 -26.86 -32.70 22.01
CA THR B 107 -25.74 -31.94 21.48
C THR B 107 -26.15 -30.49 21.18
N TYR B 108 -27.28 -30.36 20.52
CA TYR B 108 -27.70 -29.05 19.97
C TYR B 108 -28.30 -28.14 21.00
N GLN B 109 -27.65 -27.02 21.23
CA GLN B 109 -28.27 -26.04 22.09
C GLN B 109 -29.60 -25.49 21.57
N MET B 110 -29.87 -25.64 20.26
CA MET B 110 -30.94 -24.90 19.61
C MET B 110 -31.31 -25.59 18.33
N SER B 111 -32.49 -26.17 18.29
CA SER B 111 -32.89 -27.00 17.18
C SER B 111 -33.22 -26.18 15.95
N PHE B 112 -33.71 -24.95 16.17
CA PHE B 112 -33.97 -24.03 15.09
C PHE B 112 -34.23 -22.68 15.63
N ALA B 113 -34.39 -21.72 14.73
CA ALA B 113 -34.81 -20.38 15.11
C ALA B 113 -35.34 -19.66 13.90
N GLY B 114 -36.26 -18.73 14.17
CA GLY B 114 -37.04 -18.07 13.16
C GLY B 114 -36.95 -16.59 13.39
N PHE B 115 -36.55 -15.87 12.35
CA PHE B 115 -36.28 -14.44 12.44
C PHE B 115 -37.13 -13.73 11.43
N THR B 116 -37.44 -12.46 11.69
CA THR B 116 -38.08 -11.64 10.67
C THR B 116 -37.16 -11.55 9.46
N LYS B 117 -37.76 -11.46 8.29
CA LYS B 117 -37.04 -11.13 7.07
C LYS B 117 -36.92 -9.61 6.95
N ILE B 118 -35.76 -9.13 6.53
CA ILE B 118 -35.55 -7.71 6.36
C ILE B 118 -35.50 -7.39 4.89
N LYS B 119 -36.32 -6.42 4.47
CA LYS B 119 -36.38 -5.98 3.07
C LYS B 119 -35.02 -5.48 2.63
N GLY B 120 -34.54 -5.93 1.47
CA GLY B 120 -33.31 -5.40 0.94
C GLY B 120 -32.53 -6.44 0.17
N VAL B 121 -31.51 -5.95 -0.52
CA VAL B 121 -30.66 -6.80 -1.31
C VAL B 121 -29.25 -6.51 -0.87
N PRO B 122 -28.35 -7.50 -1.04
CA PRO B 122 -26.99 -7.29 -0.57
C PRO B 122 -26.35 -6.04 -1.19
N LEU B 123 -25.63 -5.27 -0.38
CA LEU B 123 -24.88 -4.13 -0.88
C LEU B 123 -23.56 -4.60 -1.42
N THR B 124 -23.61 -5.26 -2.56
CA THR B 124 -22.39 -5.70 -3.24
C THR B 124 -21.48 -4.52 -3.56
N PRO B 125 -20.19 -4.80 -3.67
CA PRO B 125 -19.28 -3.76 -4.12
C PRO B 125 -19.69 -3.19 -5.45
N LEU B 126 -20.29 -4.01 -6.30
CA LEU B 126 -20.66 -3.56 -7.62
C LEU B 126 -21.78 -2.54 -7.52
N LEU B 127 -22.86 -2.96 -6.89
CA LEU B 127 -23.97 -2.07 -6.54
C LEU B 127 -23.48 -0.80 -5.85
N LEU B 128 -22.46 -0.90 -5.00
CA LEU B 128 -21.90 0.26 -4.31
C LEU B 128 -21.22 1.24 -5.23
N ASN B 129 -20.35 0.70 -6.09
CA ASN B 129 -19.59 1.55 -7.00
C ASN B 129 -20.42 2.05 -8.18
N ASN B 130 -21.67 1.58 -8.28
CA ASN B 130 -22.63 2.12 -9.23
C ASN B 130 -23.53 3.20 -8.67
N LEU B 131 -23.28 3.62 -7.44
CA LEU B 131 -24.05 4.69 -6.84
C LEU B 131 -23.25 5.96 -7.03
N PRO B 132 -23.92 7.12 -7.14
CA PRO B 132 -23.17 8.39 -7.21
C PRO B 132 -22.41 8.68 -5.92
N LYS B 133 -21.30 9.40 -6.04
CA LYS B 133 -20.45 9.68 -4.90
C LYS B 133 -21.24 10.00 -3.63
N GLN B 134 -22.33 10.75 -3.76
CA GLN B 134 -23.08 11.20 -2.58
C GLN B 134 -23.80 10.08 -1.87
N SER B 135 -24.53 9.27 -2.62
CA SER B 135 -25.16 8.08 -2.05
C SER B 135 -24.10 7.08 -1.49
N GLN B 136 -22.90 7.08 -2.09
CA GLN B 136 -21.77 6.30 -1.58
C GLN B 136 -21.38 6.76 -0.19
N ASN B 137 -21.12 8.04 -0.05
CA ASN B 137 -20.70 8.62 1.22
C ASN B 137 -21.74 8.41 2.31
N GLN B 138 -23.01 8.55 1.98
CA GLN B 138 -24.07 8.36 2.97
C GLN B 138 -24.05 6.94 3.53
N ALA B 139 -23.91 5.96 2.64
CA ALA B 139 -23.74 4.56 3.07
C ALA B 139 -22.50 4.40 3.97
N ALA B 140 -21.39 5.07 3.64
CA ALA B 140 -20.20 5.04 4.50
C ALA B 140 -20.47 5.71 5.83
N LYS B 141 -21.25 6.78 5.81
CA LYS B 141 -21.61 7.51 7.03
C LYS B 141 -22.48 6.62 7.89
N ASP B 142 -23.49 6.03 7.25
CA ASP B 142 -24.46 5.13 7.92
C ASP B 142 -23.79 3.87 8.49
N LEU B 143 -22.81 3.31 7.80
CA LEU B 143 -22.15 2.12 8.32
C LEU B 143 -21.34 2.48 9.55
N ALA B 144 -20.64 3.64 9.50
CA ALA B 144 -19.89 4.13 10.66
C ALA B 144 -20.81 4.39 11.86
N ARG B 145 -22.01 4.90 11.64
CA ARG B 145 -22.94 5.12 12.73
C ARG B 145 -23.36 3.78 13.35
N PHE B 146 -23.71 2.80 12.51
CA PHE B 146 -24.11 1.45 12.98
C PHE B 146 -23.00 0.86 13.81
N LEU B 147 -21.81 0.88 13.27
CA LEU B 147 -20.67 0.31 14.00
C LEU B 147 -20.35 1.01 15.32
N SER B 148 -20.31 2.34 15.30
CA SER B 148 -20.03 3.14 16.49
C SER B 148 -21.00 2.82 17.61
N GLU B 149 -22.28 2.70 17.26
CA GLU B 149 -23.32 2.31 18.21
C GLU B 149 -23.19 0.86 18.64
N LEU B 150 -22.88 -0.04 17.72
CA LEU B 150 -22.68 -1.48 18.10
C LEU B 150 -21.51 -1.60 19.08
N HIS B 151 -20.41 -0.95 18.75
CA HIS B 151 -19.19 -0.99 19.59
C HIS B 151 -19.28 -0.21 20.92
N SER B 152 -20.42 0.46 21.14
CA SER B 152 -20.71 1.24 22.38
C SER B 152 -21.68 0.63 23.34
N ILE B 153 -22.39 -0.41 22.91
CA ILE B 153 -23.25 -1.11 23.85
C ILE B 153 -22.41 -1.59 25.01
N ASN B 154 -22.90 -1.39 26.23
CA ASN B 154 -22.16 -1.88 27.38
C ASN B 154 -22.18 -3.42 27.52
N ILE B 155 -20.99 -3.97 27.75
CA ILE B 155 -20.74 -5.42 27.70
C ILE B 155 -20.94 -6.15 29.01
N SER B 156 -21.16 -5.37 30.07
CA SER B 156 -21.30 -5.89 31.40
C SER B 156 -22.54 -6.76 31.43
N GLY B 157 -23.55 -6.42 30.62
CA GLY B 157 -24.79 -7.19 30.62
C GLY B 157 -24.78 -8.54 29.89
N PHE B 158 -23.62 -8.95 29.37
CA PHE B 158 -23.50 -10.21 28.64
C PHE B 158 -22.77 -11.24 29.44
N LYS B 159 -23.16 -12.51 29.27
CA LYS B 159 -22.50 -13.58 30.02
C LYS B 159 -21.01 -13.54 29.71
N SER B 160 -20.17 -13.59 30.74
CA SER B 160 -18.72 -13.45 30.60
C SER B 160 -18.02 -14.41 29.61
N ASN B 161 -18.48 -15.65 29.53
CA ASN B 161 -17.83 -16.63 28.66
C ASN B 161 -17.89 -16.25 27.17
N LEU B 162 -18.82 -15.39 26.82
CA LEU B 162 -18.92 -14.80 25.46
C LEU B 162 -17.78 -13.83 24.99
N VAL B 163 -16.98 -13.40 25.96
CA VAL B 163 -15.80 -12.65 25.63
C VAL B 163 -14.83 -13.64 25.00
N LEU B 164 -14.20 -13.24 23.92
CA LEU B 164 -13.31 -14.09 23.18
C LEU B 164 -11.90 -14.04 23.74
N ASP B 165 -11.36 -15.18 24.21
CA ASP B 165 -9.92 -15.16 24.50
C ASP B 165 -9.14 -15.42 23.22
N PHE B 166 -8.61 -14.36 22.66
CA PHE B 166 -8.06 -14.42 21.34
C PHE B 166 -6.70 -15.09 21.31
N ARG B 167 -5.87 -14.81 22.33
CA ARG B 167 -4.58 -15.44 22.50
C ARG B 167 -4.77 -16.94 22.73
N GLU B 168 -5.78 -17.28 23.49
CA GLU B 168 -6.11 -18.68 23.76
C GLU B 168 -6.51 -19.32 22.45
N LYS B 169 -7.15 -18.54 21.60
CA LYS B 169 -7.53 -19.02 20.29
C LYS B 169 -6.29 -19.28 19.45
N ILE B 170 -5.43 -18.27 19.29
CA ILE B 170 -4.26 -18.42 18.44
C ILE B 170 -3.42 -19.61 18.92
N ASN B 171 -3.25 -19.76 20.23
CA ASN B 171 -2.60 -20.92 20.82
C ASN B 171 -3.30 -22.25 20.52
N GLU B 172 -4.62 -22.25 20.59
CA GLU B 172 -5.39 -23.44 20.29
C GLU B 172 -5.18 -23.84 18.83
N ASP B 173 -5.23 -22.82 17.97
CA ASP B 173 -4.99 -23.01 16.56
C ASP B 173 -3.59 -23.58 16.41
N ASN B 174 -2.60 -22.86 16.89
CA ASN B 174 -1.23 -23.33 16.86
C ASN B 174 -1.10 -24.89 17.10
N LYS B 175 -1.71 -25.40 18.14
CA LYS B 175 -1.54 -26.86 18.52
C LYS B 175 -2.10 -27.66 17.38
N LYS B 176 -3.39 -27.47 17.10
CA LYS B 176 -4.07 -28.05 15.94
C LYS B 176 -3.28 -28.08 14.63
N ILE B 177 -2.76 -26.91 14.25
CA ILE B 177 -1.96 -26.77 13.05
C ILE B 177 -0.70 -27.62 13.05
N LYS B 178 0.03 -27.65 14.15
CA LYS B 178 1.15 -28.58 14.32
C LYS B 178 0.72 -30.05 14.15
N LYS B 179 -0.35 -30.42 14.82
CA LYS B 179 -0.85 -31.76 14.66
C LYS B 179 -1.13 -32.07 13.17
N LEU B 180 -1.73 -31.13 12.45
CA LEU B 180 -2.22 -31.42 11.10
C LEU B 180 -1.14 -31.33 10.06
N LEU B 181 -0.24 -30.37 10.22
CA LEU B 181 0.84 -30.19 9.27
C LEU B 181 2.08 -31.02 9.56
N SER B 182 2.06 -31.78 10.64
CA SER B 182 3.10 -32.79 10.87
C SER B 182 3.22 -33.77 9.71
N ARG B 183 2.10 -34.14 9.09
CA ARG B 183 2.06 -35.10 7.99
C ARG B 183 2.06 -34.41 6.65
N GLU B 184 2.21 -33.07 6.61
CA GLU B 184 2.19 -32.34 5.32
C GLU B 184 3.44 -31.55 4.98
N LEU B 185 4.29 -31.25 5.96
CA LEU B 185 5.46 -30.39 5.72
C LEU B 185 6.73 -30.96 6.33
N LYS B 186 7.81 -30.74 5.62
CA LYS B 186 9.13 -30.86 6.15
C LYS B 186 9.50 -29.65 6.94
N GLY B 187 10.57 -29.84 7.70
CA GLY B 187 11.07 -28.88 8.66
C GLY B 187 11.23 -27.43 8.20
N PRO B 188 11.77 -27.21 6.99
CA PRO B 188 11.97 -25.83 6.53
C PRO B 188 10.71 -25.10 6.10
N GLN B 189 9.72 -25.86 5.63
CA GLN B 189 8.40 -25.29 5.39
C GLN B 189 7.67 -25.06 6.71
N MET B 190 7.71 -26.08 7.58
CA MET B 190 7.12 -26.03 8.91
C MET B 190 7.65 -24.89 9.74
N LYS B 191 8.92 -24.54 9.55
CA LYS B 191 9.52 -23.50 10.34
C LYS B 191 8.97 -22.12 9.98
N LYS B 192 8.54 -21.92 8.74
CA LYS B 192 7.96 -20.65 8.37
C LYS B 192 6.61 -20.49 9.04
N VAL B 193 5.97 -21.61 9.37
CA VAL B 193 4.70 -21.55 10.11
C VAL B 193 4.99 -21.30 11.58
N ASP B 194 5.91 -22.07 12.18
CA ASP B 194 6.38 -21.81 13.54
C ASP B 194 6.68 -20.30 13.75
N ASP B 195 7.45 -19.71 12.86
CA ASP B 195 7.81 -18.30 12.97
C ASP B 195 6.61 -17.38 12.97
N PHE B 196 5.61 -17.75 12.19
CA PHE B 196 4.41 -16.97 12.06
C PHE B 196 3.57 -17.02 13.33
N TYR B 197 3.35 -18.22 13.90
CA TYR B 197 2.66 -18.29 15.21
C TYR B 197 3.46 -17.58 16.34
N ARG B 198 4.79 -17.60 16.23
CA ARG B 198 5.65 -16.88 17.15
C ARG B 198 5.50 -15.34 16.94
N ASP B 199 5.57 -14.89 15.71
CA ASP B 199 5.61 -13.45 15.45
C ASP B 199 4.34 -12.77 15.96
N ILE B 200 3.22 -13.42 15.75
CA ILE B 200 1.91 -12.96 16.23
C ILE B 200 1.79 -12.91 17.75
N LEU B 201 2.11 -14.00 18.42
CA LEU B 201 1.96 -14.09 19.85
C LEU B 201 2.90 -13.18 20.67
N GLU B 202 3.90 -12.60 20.02
CA GLU B 202 4.83 -11.69 20.70
C GLU B 202 4.45 -10.25 20.34
N ASN B 203 3.31 -10.08 19.69
CA ASN B 203 2.91 -8.78 19.23
C ASN B 203 1.59 -8.32 19.85
N GLU B 204 1.71 -7.41 20.81
CA GLU B 204 0.58 -7.02 21.64
C GLU B 204 -0.54 -6.28 20.90
N ILE B 205 -0.29 -5.76 19.70
CA ILE B 205 -1.41 -5.04 19.06
C ILE B 205 -2.60 -5.90 18.79
N TYR B 206 -2.42 -7.21 18.70
CA TYR B 206 -3.52 -8.12 18.45
C TYR B 206 -4.37 -8.37 19.65
N PHE B 207 -3.83 -8.13 20.82
CA PHE B 207 -4.48 -8.55 22.07
C PHE B 207 -4.79 -7.42 23.02
N LYS B 208 -4.13 -6.30 22.86
CA LYS B 208 -4.33 -5.18 23.73
C LYS B 208 -5.35 -4.27 23.06
N TYR B 209 -6.64 -4.56 23.31
CA TYR B 209 -7.76 -3.78 22.75
C TYR B 209 -8.91 -3.63 23.73
N TYR B 210 -9.77 -2.63 23.50
CA TYR B 210 -10.95 -2.46 24.36
C TYR B 210 -12.02 -3.35 23.76
N PRO B 211 -12.19 -4.56 24.33
CA PRO B 211 -13.17 -5.46 23.76
C PRO B 211 -14.55 -4.88 23.81
N CYS B 212 -15.31 -5.08 22.76
CA CYS B 212 -16.72 -4.68 22.75
C CYS B 212 -17.49 -5.63 21.87
N LEU B 213 -18.81 -5.51 21.87
CA LEU B 213 -19.64 -6.33 21.03
C LEU B 213 -19.40 -5.99 19.61
N ILE B 214 -19.20 -7.02 18.80
CA ILE B 214 -18.99 -6.90 17.37
C ILE B 214 -19.83 -7.86 16.52
N HIS B 215 -20.11 -7.43 15.29
CA HIS B 215 -20.82 -8.28 14.34
C HIS B 215 -19.95 -9.51 14.10
N ASN B 216 -18.68 -9.26 13.76
CA ASN B 216 -17.66 -10.29 13.55
C ASN B 216 -17.73 -11.10 12.27
N ASP B 217 -18.58 -10.67 11.38
CA ASP B 217 -18.64 -11.22 10.04
C ASP B 217 -19.24 -10.14 9.21
N PHE B 218 -18.63 -8.96 9.34
CA PHE B 218 -19.26 -7.74 8.85
C PHE B 218 -18.75 -7.49 7.47
N SER B 219 -19.58 -7.86 6.51
CA SER B 219 -19.19 -7.93 5.10
C SER B 219 -20.37 -7.57 4.21
N SER B 220 -20.05 -7.22 2.97
CA SER B 220 -21.03 -6.68 2.05
C SER B 220 -22.26 -7.55 1.87
N ASP B 221 -22.12 -8.86 2.01
CA ASP B 221 -23.23 -9.77 1.83
C ASP B 221 -24.21 -9.77 3.00
N HIS B 222 -23.79 -9.24 4.14
CA HIS B 222 -24.66 -9.09 5.31
C HIS B 222 -25.15 -7.66 5.54
N ILE B 223 -24.94 -6.80 4.54
CA ILE B 223 -25.43 -5.42 4.57
C ILE B 223 -26.52 -5.20 3.51
N LEU B 224 -27.77 -5.07 3.96
CA LEU B 224 -28.92 -4.96 3.05
C LEU B 224 -29.18 -3.53 2.64
N PHE B 225 -29.64 -3.38 1.40
CA PHE B 225 -29.76 -2.07 0.78
C PHE B 225 -31.12 -1.90 0.16
N ASP B 226 -31.69 -0.71 0.31
CA ASP B 226 -32.95 -0.37 -0.32
C ASP B 226 -32.63 0.47 -1.53
N THR B 227 -32.80 -0.17 -2.68
CA THR B 227 -32.50 0.43 -3.96
C THR B 227 -33.50 1.57 -4.31
N GLU B 228 -34.69 1.54 -3.71
CA GLU B 228 -35.68 2.60 -3.89
C GLU B 228 -35.17 3.94 -3.34
N LYS B 229 -34.75 3.92 -2.07
CA LYS B 229 -34.24 5.12 -1.41
C LYS B 229 -32.72 5.26 -1.56
N ASN B 230 -32.09 4.24 -2.13
CA ASN B 230 -30.63 4.19 -2.23
C ASN B 230 -29.99 4.52 -0.90
N THR B 231 -30.53 3.87 0.14
CA THR B 231 -29.95 3.87 1.47
C THR B 231 -29.92 2.45 2.03
N ILE B 232 -28.91 2.20 2.87
CA ILE B 232 -28.80 0.97 3.65
C ILE B 232 -30.00 0.84 4.59
N CYS B 233 -30.64 -0.31 4.59
CA CYS B 233 -31.86 -0.54 5.35
C CYS B 233 -31.80 -1.81 6.19
N GLY B 234 -30.60 -2.28 6.48
CA GLY B 234 -30.49 -3.51 7.22
C GLY B 234 -29.11 -4.11 7.36
N ILE B 235 -28.98 -4.91 8.41
CA ILE B 235 -27.83 -5.69 8.70
C ILE B 235 -28.29 -7.03 9.21
N ILE B 236 -27.71 -8.10 8.69
CA ILE B 236 -28.15 -9.45 9.02
C ILE B 236 -26.99 -10.38 9.44
N ASP B 237 -27.35 -11.58 9.87
CA ASP B 237 -26.39 -12.68 10.17
C ASP B 237 -25.42 -12.35 11.28
N PHE B 238 -26.00 -12.28 12.46
CA PHE B 238 -25.23 -12.11 13.67
C PHE B 238 -24.74 -13.44 14.30
N GLY B 239 -24.63 -14.53 13.53
CA GLY B 239 -24.24 -15.83 14.11
C GLY B 239 -22.86 -15.86 14.76
N ASP B 240 -21.91 -15.12 14.19
CA ASP B 240 -20.54 -15.05 14.73
C ASP B 240 -20.32 -13.91 15.71
N ALA B 241 -21.32 -13.08 15.93
CA ALA B 241 -21.21 -11.99 16.91
C ALA B 241 -20.65 -12.45 18.25
N ALA B 242 -19.78 -11.63 18.81
CA ALA B 242 -19.10 -11.91 20.06
C ALA B 242 -18.56 -10.63 20.60
N ILE B 243 -17.95 -10.72 21.77
CA ILE B 243 -17.27 -9.61 22.40
C ILE B 243 -15.81 -9.71 22.03
N SER B 244 -15.31 -8.70 21.32
CA SER B 244 -14.00 -8.82 20.71
C SER B 244 -13.44 -7.45 20.20
N ASP B 245 -12.46 -7.52 19.32
CA ASP B 245 -11.74 -6.34 18.82
C ASP B 245 -12.56 -5.57 17.80
N PRO B 246 -13.12 -4.42 18.19
CA PRO B 246 -13.83 -3.60 17.19
C PRO B 246 -13.17 -3.46 15.85
N ASP B 247 -11.84 -3.53 15.78
CA ASP B 247 -11.22 -3.56 14.50
C ASP B 247 -11.61 -4.72 13.55
N ASN B 248 -12.11 -5.86 14.08
CA ASN B 248 -12.51 -6.90 13.16
C ASN B 248 -13.64 -6.52 12.25
N ASP B 249 -14.49 -5.63 12.71
CA ASP B 249 -15.62 -5.19 11.90
C ASP B 249 -15.26 -4.26 10.78
N PHE B 250 -14.01 -3.83 10.71
CA PHE B 250 -13.54 -3.01 9.57
C PHE B 250 -12.71 -3.80 8.64
N ILE B 251 -11.82 -4.64 9.19
CA ILE B 251 -10.92 -5.43 8.32
C ILE B 251 -11.67 -6.43 7.40
N SER B 252 -12.85 -6.89 7.86
CA SER B 252 -13.73 -7.70 7.01
C SER B 252 -14.30 -6.99 5.76
N LEU B 253 -14.23 -5.65 5.68
CA LEU B 253 -14.67 -4.91 4.50
C LEU B 253 -13.55 -4.39 3.59
N MET B 254 -12.30 -4.53 3.99
CA MET B 254 -11.18 -3.91 3.26
C MET B 254 -10.71 -4.61 1.98
N GLU B 255 -11.10 -5.87 1.81
N GLU B 255 -11.11 -5.88 1.79
CA GLU B 255 -10.64 -6.72 0.70
CA GLU B 255 -10.64 -6.73 0.70
C GLU B 255 -11.05 -6.13 -0.64
C GLU B 255 -11.06 -6.14 -0.65
N ASP B 256 -10.10 -6.01 -1.56
CA ASP B 256 -10.39 -5.51 -2.90
C ASP B 256 -11.15 -6.54 -3.73
N ASP B 257 -12.06 -6.04 -4.56
CA ASP B 257 -12.88 -6.90 -5.42
C ASP B 257 -13.94 -7.64 -4.62
N GLU B 258 -13.51 -8.43 -3.64
CA GLU B 258 -14.41 -9.21 -2.82
C GLU B 258 -15.27 -8.31 -1.95
N GLU B 259 -14.66 -7.31 -1.35
CA GLU B 259 -15.40 -6.39 -0.50
C GLU B 259 -15.19 -4.97 -0.99
N TYR B 260 -15.33 -3.99 -0.12
CA TYR B 260 -15.16 -2.60 -0.53
C TYR B 260 -13.67 -2.32 -0.62
N GLY B 261 -13.28 -1.13 -1.00
CA GLY B 261 -11.84 -0.93 -1.13
C GLY B 261 -11.23 -0.59 0.22
N MET B 262 -9.92 -0.37 0.25
CA MET B 262 -9.31 0.31 1.37
C MET B 262 -9.79 1.77 1.45
N GLU B 263 -9.90 2.42 0.31
CA GLU B 263 -10.24 3.82 0.26
C GLU B 263 -11.63 4.08 0.84
N PHE B 264 -12.57 3.20 0.55
CA PHE B 264 -13.91 3.34 1.11
C PHE B 264 -13.97 3.07 2.62
N VAL B 265 -13.20 2.10 3.10
CA VAL B 265 -13.18 1.80 4.51
C VAL B 265 -12.57 2.99 5.31
N SER B 266 -11.58 3.69 4.75
CA SER B 266 -11.11 4.94 5.37
C SER B 266 -12.25 5.93 5.58
N LYS B 267 -13.14 6.08 4.59
CA LYS B 267 -14.32 6.92 4.75
C LYS B 267 -15.13 6.56 5.97
N ILE B 268 -15.31 5.25 6.20
CA ILE B 268 -16.04 4.71 7.36
C ILE B 268 -15.24 4.97 8.65
N LEU B 269 -13.94 4.71 8.59
CA LEU B 269 -13.13 4.83 9.77
C LEU B 269 -13.19 6.26 10.30
N ASN B 270 -13.16 7.24 9.39
CA ASN B 270 -13.20 8.66 9.74
C ASN B 270 -14.54 9.11 10.27
N HIS B 271 -15.65 8.66 9.68
CA HIS B 271 -16.95 9.02 10.26
C HIS B 271 -17.06 8.43 11.66
N TYR B 272 -16.32 7.35 11.86
CA TYR B 272 -16.27 6.62 13.11
C TYR B 272 -15.26 7.24 14.08
N LYS B 273 -14.33 8.05 13.57
CA LYS B 273 -13.36 8.80 14.39
C LYS B 273 -12.36 7.85 15.03
N HIS B 274 -12.08 6.77 14.32
CA HIS B 274 -11.05 5.84 14.74
C HIS B 274 -9.78 6.64 14.78
N LYS B 275 -8.99 6.50 15.85
CA LYS B 275 -7.81 7.38 16.07
C LYS B 275 -6.47 6.66 15.77
N ASP B 276 -6.53 5.57 15.00
CA ASP B 276 -5.36 4.74 14.69
C ASP B 276 -5.58 3.74 13.54
N ILE B 277 -5.71 4.30 12.36
CA ILE B 277 -5.96 3.53 11.17
C ILE B 277 -4.81 2.57 10.82
N PRO B 278 -3.55 2.99 11.00
CA PRO B 278 -2.46 2.05 10.74
C PRO B 278 -2.48 0.72 11.52
N THR B 279 -3.00 0.72 12.73
CA THR B 279 -3.12 -0.52 13.49
C THR B 279 -4.16 -1.43 12.83
N VAL B 280 -5.21 -0.80 12.30
CA VAL B 280 -6.25 -1.51 11.61
C VAL B 280 -5.69 -2.16 10.36
N LEU B 281 -4.90 -1.42 9.62
CA LEU B 281 -4.21 -1.94 8.43
C LEU B 281 -3.33 -3.15 8.78
N GLU B 282 -2.64 -3.09 9.92
CA GLU B 282 -1.74 -4.17 10.34
C GLU B 282 -2.56 -5.43 10.70
N LYS B 283 -3.65 -5.24 11.43
CA LYS B 283 -4.55 -6.33 11.76
C LYS B 283 -5.09 -7.01 10.50
N TYR B 284 -5.41 -6.19 9.50
CA TYR B 284 -5.89 -6.70 8.21
C TYR B 284 -4.87 -7.62 7.56
N ARG B 285 -3.64 -7.13 7.41
CA ARG B 285 -2.55 -7.92 6.84
C ARG B 285 -2.45 -9.30 7.55
N MET B 286 -2.48 -9.29 8.88
CA MET B 286 -2.35 -10.51 9.64
C MET B 286 -3.51 -11.44 9.35
N LYS B 287 -4.71 -10.87 9.38
CA LYS B 287 -5.91 -11.59 9.14
C LYS B 287 -5.87 -12.32 7.80
N GLU B 288 -5.39 -11.63 6.77
CA GLU B 288 -5.41 -12.21 5.42
C GLU B 288 -4.51 -13.42 5.39
N LYS B 289 -3.27 -13.25 5.88
CA LYS B 289 -2.32 -14.33 6.02
C LYS B 289 -2.94 -15.44 6.85
N TYR B 290 -3.52 -15.08 7.99
CA TYR B 290 -4.02 -16.05 8.92
C TYR B 290 -5.15 -16.92 8.36
N TRP B 291 -5.89 -16.42 7.41
CA TRP B 291 -7.03 -17.16 6.89
C TRP B 291 -6.71 -18.55 6.31
N SER B 292 -5.57 -18.67 5.64
CA SER B 292 -5.11 -19.94 5.11
C SER B 292 -5.02 -20.98 6.19
N PHE B 293 -4.62 -20.57 7.39
CA PHE B 293 -4.59 -21.49 8.50
C PHE B 293 -6.00 -21.81 8.93
N GLU B 294 -6.90 -20.86 8.92
CA GLU B 294 -8.27 -21.19 9.36
C GLU B 294 -8.94 -22.13 8.38
N LYS B 295 -8.67 -21.92 7.09
CA LYS B 295 -9.24 -22.78 6.08
C LYS B 295 -8.84 -24.22 6.35
N ILE B 296 -7.60 -24.44 6.73
CA ILE B 296 -7.10 -25.76 7.08
C ILE B 296 -7.84 -26.36 8.21
N ILE B 297 -7.98 -25.59 9.28
CA ILE B 297 -8.63 -26.09 10.47
C ILE B 297 -10.09 -26.37 10.20
N TYR B 298 -10.79 -25.47 9.52
CA TYR B 298 -12.23 -25.65 9.27
C TYR B 298 -12.47 -26.69 8.20
N GLY B 299 -11.57 -26.72 7.22
CA GLY B 299 -11.55 -27.76 6.22
C GLY B 299 -11.59 -29.16 6.83
N LYS B 300 -10.84 -29.37 7.91
CA LYS B 300 -10.88 -30.64 8.63
C LYS B 300 -12.07 -30.77 9.57
N GLU B 301 -12.36 -29.71 10.31
CA GLU B 301 -13.49 -29.74 11.26
C GLU B 301 -14.80 -30.07 10.53
N TYR B 302 -15.01 -29.46 9.36
CA TYR B 302 -16.24 -29.65 8.58
C TYR B 302 -16.21 -30.81 7.58
N GLY B 303 -15.03 -31.09 7.03
CA GLY B 303 -14.86 -32.05 5.95
C GLY B 303 -14.91 -31.39 4.58
N TYR B 304 -14.38 -30.17 4.49
CA TYR B 304 -14.17 -29.54 3.21
C TYR B 304 -12.75 -29.78 2.72
N MET B 305 -12.56 -30.87 1.97
CA MET B 305 -11.25 -31.19 1.42
C MET B 305 -10.72 -30.02 0.58
N ASP B 306 -11.59 -29.35 -0.15
CA ASP B 306 -11.18 -28.22 -1.01
C ASP B 306 -10.59 -27.05 -0.21
N TRP B 307 -11.23 -26.70 0.89
CA TRP B 307 -10.71 -25.65 1.78
C TRP B 307 -9.36 -26.03 2.37
N TYR B 308 -9.28 -27.29 2.81
CA TYR B 308 -8.07 -27.84 3.32
C TYR B 308 -6.98 -27.74 2.29
N GLU B 309 -7.25 -28.11 1.06
CA GLU B 309 -6.17 -28.13 0.08
C GLU B 309 -5.77 -26.71 -0.27
N GLU B 310 -6.74 -25.85 -0.49
CA GLU B 310 -6.44 -24.43 -0.76
C GLU B 310 -5.54 -23.89 0.33
N GLY B 311 -5.92 -24.09 1.58
CA GLY B 311 -5.11 -23.64 2.70
C GLY B 311 -3.70 -24.17 2.66
N LEU B 312 -3.58 -25.46 2.39
CA LEU B 312 -2.30 -26.10 2.30
C LEU B 312 -1.40 -25.44 1.23
N ASN B 313 -1.98 -25.21 0.06
CA ASN B 313 -1.23 -24.63 -1.06
C ASN B 313 -0.74 -23.20 -0.81
N GLU B 314 -1.64 -22.33 -0.28
CA GLU B 314 -1.25 -20.93 -0.08
C GLU B 314 -0.20 -20.90 1.01
N ILE B 315 -0.24 -21.85 1.92
CA ILE B 315 0.83 -21.98 2.92
C ILE B 315 2.21 -22.22 2.31
N ARG B 316 2.28 -23.12 1.33
CA ARG B 316 3.56 -23.34 0.63
C ARG B 316 4.01 -22.03 -0.07
N SER B 317 4.93 -21.30 0.59
CA SER B 317 5.34 -19.93 0.18
C SER B 317 6.65 -19.51 0.83
O11 4XR C . 16.36 7.63 -17.41
C11 4XR C . 15.98 6.42 -16.63
O51 4XR C . 16.81 5.25 -17.01
C21 4XR C . 15.96 6.71 -15.08
N21 4XR C . 16.26 8.15 -14.77
C31 4XR C . 16.86 5.77 -14.30
C41 4XR C . 16.48 4.50 -14.78
C51 4XR C . 16.49 4.28 -16.16
C61 4XR C . 16.14 3.09 -16.74
N61 4XR C . 17.02 2.05 -16.19
C11 SIS D . -13.22 -13.92 4.66
C12 SIS D . -17.50 -13.85 1.35
C13 SIS D . -17.28 -17.38 1.00
C21 SIS D . -12.68 -13.40 6.03
C22 SIS D . -16.54 -12.71 1.23
C23 SIS D . -18.57 -18.00 0.44
C31 SIS D . -11.17 -13.38 6.13
C32 SIS D . -15.88 -12.43 2.61
C33 SIS D . -19.52 -18.53 1.55
C41 SIS D . -10.51 -13.93 5.01
C42 SIS D . -15.05 -13.66 3.07
C43 SIS D . -18.72 -19.36 2.65
C51 SIS D . -11.15 -13.95 3.77
C52 SIS D . -15.94 -14.96 3.06
C53 SIS D . -17.44 -18.60 3.08
C61 SIS D . -10.53 -14.34 2.62
C62 SIS D . -16.71 -15.13 1.68
C83 SIS D . -19.58 -19.55 3.92
C93 SIS D . -21.93 -18.90 1.51
N12 SIS D . -18.37 -14.02 0.17
N21 SIS D . -13.23 -12.05 6.39
N32 SIS D . -15.04 -11.21 2.59
N33 SIS D . -20.64 -19.31 0.96
N61 SIS D . -10.21 -13.07 1.91
O11 SIS D . -14.54 -13.43 4.41
O23 SIS D . -19.26 -16.99 -0.31
O43 SIS D . -18.30 -20.70 2.15
O51 SIS D . -12.42 -13.44 3.62
O52 SIS D . -15.31 -16.09 3.90
O53 SIS D . -16.64 -18.23 1.95
O62 SIS D . -17.61 -16.21 1.76
#